data_4D50
#
_entry.id   4D50
#
_cell.length_a   45.933
_cell.length_b   48.636
_cell.length_c   124.087
_cell.angle_alpha   90.00
_cell.angle_beta   99.27
_cell.angle_gamma   90.00
#
_symmetry.space_group_name_H-M   'P 1 21 1'
#
loop_
_entity.id
_entity.type
_entity.pdbx_description
1 polymer 'DEOXYHYPUSINE HYDROXYLASE'
2 non-polymer 'FE (III) ION'
3 non-polymer 'PEROXIDE ION'
4 non-polymer GUANIDINE
5 water water
#
_entity_poly.entity_id   1
_entity_poly.type   'polypeptide(L)'
_entity_poly.pdbx_seq_one_letter_code
;GPLGSMVTEQEVDAIGQTLVDPKQPLQARFRALFTLRGLGGPGAIAWISQAFDDDSALLKHELAYCLGQMQDARAIPMLV
DVLQDTRQEPMVRHEAGEALGAIGDPEVLEILKQYSSDPVIEVAETCQLAVRRLEWLQQHGGEPAAGPYLSVDPAPPAEE
RDVGRLREALLDESRPLFERYRAMFALRNAGGEEAALALAEGLHCGSALFRHEVGYVLGQLQHEAAVPQLAAALARCTEN
PMVRHECAEALGAIARPACLAALQAHADDPERVVRESCEVALDMYEHETGRAFQ
;
_entity_poly.pdbx_strand_id   A,B
#
# COMPACT_ATOMS: atom_id res chain seq x y z
N GLY A 1 -1.27 30.05 -23.77
CA GLY A 1 -0.53 30.99 -24.64
C GLY A 1 0.97 30.75 -24.70
N PRO A 2 1.75 31.73 -25.26
CA PRO A 2 3.19 31.49 -25.41
C PRO A 2 4.07 31.90 -24.22
N LEU A 3 3.51 32.50 -23.19
CA LEU A 3 4.28 32.85 -21.97
C LEU A 3 4.52 31.58 -21.10
N GLY A 4 3.83 30.48 -21.41
CA GLY A 4 4.00 29.29 -20.61
C GLY A 4 5.42 28.72 -20.54
N SER A 5 6.06 28.62 -21.67
CA SER A 5 7.40 28.00 -21.67
C SER A 5 8.49 28.93 -21.13
N MET A 6 8.20 30.43 -20.98
CA MET A 6 9.00 31.42 -20.26
C MET A 6 8.87 31.20 -18.75
N VAL A 7 7.63 31.06 -18.28
CA VAL A 7 7.35 30.90 -16.86
C VAL A 7 8.02 29.59 -16.36
N THR A 8 7.89 28.52 -17.14
CA THR A 8 8.43 27.29 -16.66
C THR A 8 9.95 27.40 -16.59
N GLU A 9 10.61 28.01 -17.57
CA GLU A 9 12.07 28.10 -17.48
C GLU A 9 12.55 29.04 -16.34
N GLN A 10 11.81 30.11 -16.05
CA GLN A 10 12.04 30.91 -14.86
C GLN A 10 11.98 30.02 -13.60
N GLU A 11 10.93 29.20 -13.49
CA GLU A 11 10.75 28.39 -12.28
C GLU A 11 11.86 27.34 -12.17
N VAL A 12 12.18 26.73 -13.30
CA VAL A 12 13.36 25.86 -13.35
C VAL A 12 14.68 26.47 -12.81
N ASP A 13 14.99 27.72 -13.16
CA ASP A 13 16.25 28.33 -12.76
C ASP A 13 16.24 28.68 -11.31
N ALA A 14 15.08 29.06 -10.83
CA ALA A 14 14.85 29.37 -9.42
C ALA A 14 15.01 28.15 -8.55
N ILE A 15 14.34 27.06 -8.94
CA ILE A 15 14.44 25.79 -8.24
C ILE A 15 15.89 25.26 -8.29
N GLY A 16 16.44 25.28 -9.47
CA GLY A 16 17.84 24.97 -9.67
C GLY A 16 18.80 25.68 -8.72
N GLN A 17 18.61 26.99 -8.55
CA GLN A 17 19.47 27.70 -7.59
C GLN A 17 19.35 27.11 -6.22
N THR A 18 18.15 26.68 -5.84
CA THR A 18 17.89 26.10 -4.48
C THR A 18 18.66 24.77 -4.35
N LEU A 19 18.51 23.89 -5.32
CA LEU A 19 19.29 22.69 -5.40
C LEU A 19 20.82 22.80 -5.24
N VAL A 20 21.45 23.77 -5.93
CA VAL A 20 22.92 23.82 -5.98
C VAL A 20 23.52 24.61 -4.80
N ASP A 21 22.66 25.24 -4.02
CA ASP A 21 23.09 26.07 -2.87
C ASP A 21 23.37 25.21 -1.66
N PRO A 22 24.65 25.09 -1.27
CA PRO A 22 24.96 24.18 -0.13
C PRO A 22 24.51 24.69 1.21
N LYS A 23 23.96 25.90 1.28
CA LYS A 23 23.41 26.46 2.53
C LYS A 23 21.93 26.26 2.71
N GLN A 24 21.27 25.66 1.74
CA GLN A 24 19.87 25.37 1.89
C GLN A 24 19.74 24.10 2.74
N PRO A 25 18.72 23.99 3.55
CA PRO A 25 18.55 22.70 4.25
C PRO A 25 18.38 21.55 3.25
N LEU A 26 18.87 20.38 3.61
CA LEU A 26 18.86 19.22 2.73
C LEU A 26 17.44 18.89 2.22
N GLN A 27 16.43 19.03 3.06
CA GLN A 27 15.10 18.64 2.64
C GLN A 27 14.62 19.57 1.51
N ALA A 28 15.05 20.82 1.56
CA ALA A 28 14.73 21.84 0.54
C ALA A 28 15.42 21.59 -0.79
N ARG A 29 16.63 21.10 -0.72
CA ARG A 29 17.32 20.73 -1.92
C ARG A 29 16.74 19.44 -2.47
N PHE A 30 16.22 18.52 -1.63
CA PHE A 30 15.53 17.32 -2.19
C PHE A 30 14.28 17.67 -2.88
N ARG A 31 13.54 18.60 -2.30
CA ARG A 31 12.31 19.08 -2.88
C ARG A 31 12.59 19.70 -4.19
N ALA A 32 13.64 20.51 -4.28
CA ALA A 32 14.02 21.14 -5.59
C ALA A 32 14.35 20.07 -6.63
N LEU A 33 15.17 19.12 -6.22
CA LEU A 33 15.57 18.06 -7.10
C LEU A 33 14.39 17.28 -7.67
N PHE A 34 13.44 16.80 -6.84
CA PHE A 34 12.34 16.07 -7.35
C PHE A 34 11.37 16.93 -8.16
N THR A 35 11.33 18.21 -7.90
CA THR A 35 10.53 19.06 -8.77
C THR A 35 11.21 19.12 -10.15
N LEU A 36 12.51 19.33 -10.21
CA LEU A 36 13.20 19.35 -11.48
C LEU A 36 13.06 18.07 -12.22
N ARG A 37 13.13 16.95 -11.50
CA ARG A 37 12.95 15.66 -12.12
C ARG A 37 11.63 15.59 -12.86
N GLY A 38 10.57 16.12 -12.25
CA GLY A 38 9.23 16.17 -12.86
C GLY A 38 9.12 17.10 -14.06
N LEU A 39 9.74 18.26 -13.95
CA LEU A 39 9.67 19.26 -15.02
C LEU A 39 10.43 18.86 -16.21
N GLY A 40 11.64 18.35 -16.00
CA GLY A 40 12.40 17.89 -17.13
C GLY A 40 12.91 19.01 -18.01
N GLY A 41 13.56 18.59 -19.08
CA GLY A 41 14.19 19.52 -19.98
C GLY A 41 15.67 19.84 -19.74
N PRO A 42 16.28 20.58 -20.67
CA PRO A 42 17.72 20.84 -20.66
C PRO A 42 18.15 21.71 -19.50
N GLY A 43 17.39 22.75 -19.13
CA GLY A 43 17.71 23.55 -17.98
C GLY A 43 17.77 22.64 -16.73
N ALA A 44 16.75 21.81 -16.60
CA ALA A 44 16.63 20.93 -15.39
C ALA A 44 17.80 19.96 -15.32
N ILE A 45 18.13 19.33 -16.44
CA ILE A 45 19.27 18.44 -16.47
C ILE A 45 20.59 19.16 -16.09
N ALA A 46 20.79 20.39 -16.57
CA ALA A 46 21.99 21.14 -16.23
C ALA A 46 22.14 21.50 -14.77
N TRP A 47 21.08 21.91 -14.15
CA TRP A 47 21.09 22.27 -12.75
C TRP A 47 21.35 21.00 -11.88
N ILE A 48 20.76 19.88 -12.27
CA ILE A 48 20.91 18.61 -11.50
C ILE A 48 22.38 18.18 -11.62
N SER A 49 22.93 18.40 -12.82
CA SER A 49 24.26 17.98 -13.18
C SER A 49 25.28 18.81 -12.44
N GLN A 50 24.96 20.09 -12.28
CA GLN A 50 25.80 21.01 -11.52
C GLN A 50 25.94 20.58 -10.05
N ALA A 51 24.90 20.00 -9.47
CA ALA A 51 24.97 19.53 -8.07
C ALA A 51 25.88 18.35 -7.78
N PHE A 52 26.41 17.65 -8.78
CA PHE A 52 27.40 16.59 -8.50
C PHE A 52 28.69 17.06 -7.75
N ASP A 53 28.81 18.39 -7.58
CA ASP A 53 29.91 19.07 -6.87
C ASP A 53 29.82 18.78 -5.37
N ASP A 54 28.62 18.52 -4.91
CA ASP A 54 28.29 18.53 -3.51
C ASP A 54 28.99 17.44 -2.71
N ASP A 55 29.12 17.74 -1.42
CA ASP A 55 29.67 16.88 -0.45
C ASP A 55 28.85 15.69 -0.05
N SER A 56 27.54 15.79 -0.15
CA SER A 56 26.63 14.75 0.31
C SER A 56 26.52 13.62 -0.70
N ALA A 57 26.96 12.44 -0.29
CA ALA A 57 26.82 11.20 -1.18
C ALA A 57 25.33 10.87 -1.38
N LEU A 58 24.55 11.02 -0.33
CA LEU A 58 23.07 10.87 -0.38
C LEU A 58 22.47 11.78 -1.47
N LEU A 59 22.81 13.06 -1.42
CA LEU A 59 22.24 13.94 -2.43
C LEU A 59 22.75 13.54 -3.82
N LYS A 60 24.05 13.30 -3.97
CA LYS A 60 24.61 13.03 -5.30
C LYS A 60 24.04 11.79 -5.98
N HIS A 61 23.80 10.76 -5.20
CA HIS A 61 23.23 9.54 -5.74
C HIS A 61 21.75 9.73 -6.10
N GLU A 62 21.04 10.63 -5.42
CA GLU A 62 19.63 10.96 -5.80
C GLU A 62 19.62 11.74 -7.17
N LEU A 63 20.63 12.57 -7.33
CA LEU A 63 20.78 13.28 -8.61
C LEU A 63 20.82 12.25 -9.69
N ALA A 64 21.70 11.28 -9.51
CA ALA A 64 21.86 10.28 -10.59
C ALA A 64 20.56 9.48 -10.75
N TYR A 65 19.92 9.08 -9.67
CA TYR A 65 18.66 8.37 -9.78
C TYR A 65 17.61 9.13 -10.59
N CYS A 66 17.52 10.41 -10.32
CA CYS A 66 16.58 11.31 -10.99
C CYS A 66 16.88 11.37 -12.48
N LEU A 67 18.18 11.49 -12.86
CA LEU A 67 18.50 11.59 -14.30
C LEU A 67 18.12 10.30 -14.99
N GLY A 68 18.26 9.21 -14.28
CA GLY A 68 17.86 7.92 -14.83
C GLY A 68 16.36 7.91 -15.13
N GLN A 69 15.58 8.23 -14.15
CA GLN A 69 14.13 8.17 -14.22
C GLN A 69 13.55 9.12 -15.25
N MET A 70 14.29 10.23 -15.52
CA MET A 70 13.94 11.23 -16.52
C MET A 70 13.99 10.68 -17.95
N GLN A 71 14.79 9.65 -18.13
CA GLN A 71 14.91 8.92 -19.41
C GLN A 71 15.34 9.81 -20.59
N ASP A 72 16.08 10.87 -20.29
CA ASP A 72 16.49 11.84 -21.25
C ASP A 72 17.95 11.61 -21.61
N ALA A 73 18.15 11.21 -22.85
CA ALA A 73 19.52 10.87 -23.35
C ALA A 73 20.50 12.02 -23.18
N ARG A 74 20.00 13.23 -23.02
CA ARG A 74 20.87 14.41 -22.77
C ARG A 74 21.72 14.28 -21.49
N ALA A 75 21.30 13.41 -20.57
CA ALA A 75 21.97 13.22 -19.30
C ALA A 75 23.13 12.28 -19.43
N ILE A 76 23.26 11.62 -20.60
CA ILE A 76 24.19 10.52 -20.68
C ILE A 76 25.63 10.86 -20.40
N PRO A 77 26.15 11.98 -21.02
CA PRO A 77 27.52 12.38 -20.75
C PRO A 77 27.86 12.61 -19.28
N MET A 78 26.98 13.24 -18.54
CA MET A 78 27.23 13.55 -17.12
C MET A 78 27.22 12.25 -16.37
N LEU A 79 26.31 11.36 -16.71
CA LEU A 79 26.20 10.07 -15.95
C LEU A 79 27.43 9.17 -16.22
N VAL A 80 27.96 9.26 -17.44
CA VAL A 80 29.21 8.57 -17.76
C VAL A 80 30.35 9.10 -16.88
N ASP A 81 30.48 10.41 -16.82
CA ASP A 81 31.51 11.09 -16.06
C ASP A 81 31.40 10.64 -14.59
N VAL A 82 30.20 10.58 -14.05
CA VAL A 82 30.05 10.06 -12.65
C VAL A 82 30.42 8.59 -12.50
N LEU A 83 29.95 7.74 -13.40
CA LEU A 83 30.28 6.35 -13.38
C LEU A 83 31.79 6.15 -13.43
N GLN A 84 32.43 6.89 -14.29
CA GLN A 84 33.92 6.76 -14.43
C GLN A 84 34.73 7.40 -13.30
N ASP A 85 34.13 8.31 -12.55
CA ASP A 85 34.89 9.07 -11.58
C ASP A 85 35.15 8.22 -10.34
N THR A 86 36.33 7.59 -10.23
CA THR A 86 36.64 6.70 -9.13
C THR A 86 36.70 7.35 -7.74
N ARG A 87 36.71 8.67 -7.68
CA ARG A 87 36.67 9.38 -6.42
C ARG A 87 35.22 9.42 -5.86
N GLN A 88 34.21 9.27 -6.72
CA GLN A 88 32.81 9.25 -6.24
C GLN A 88 32.57 8.02 -5.37
N GLU A 89 31.73 8.10 -4.31
CA GLU A 89 31.42 6.93 -3.46
C GLU A 89 30.81 5.84 -4.34
N PRO A 90 30.96 4.55 -3.98
CA PRO A 90 30.31 3.42 -4.65
C PRO A 90 28.79 3.60 -4.94
N MET A 91 28.09 4.09 -3.93
CA MET A 91 26.66 4.33 -3.99
CA MET A 91 26.65 4.34 -3.98
C MET A 91 26.32 5.33 -5.13
N VAL A 92 27.21 6.29 -5.32
CA VAL A 92 27.00 7.31 -6.30
C VAL A 92 27.29 6.69 -7.71
N ARG A 93 28.39 5.96 -7.82
CA ARG A 93 28.79 5.39 -9.10
C ARG A 93 27.79 4.34 -9.50
N HIS A 94 27.33 3.54 -8.53
CA HIS A 94 26.30 2.51 -8.81
C HIS A 94 25.09 3.21 -9.38
N GLU A 95 24.65 4.27 -8.74
CA GLU A 95 23.42 4.93 -9.15
C GLU A 95 23.53 5.49 -10.58
N ALA A 96 24.70 6.00 -10.90
CA ALA A 96 24.94 6.55 -12.29
C ALA A 96 24.88 5.35 -13.29
N GLY A 97 25.50 4.19 -12.99
CA GLY A 97 25.38 3.06 -13.89
C GLY A 97 23.97 2.58 -14.09
N GLU A 98 23.26 2.41 -12.99
CA GLU A 98 21.81 2.11 -13.09
C GLU A 98 21.02 3.11 -13.95
N ALA A 99 21.33 4.42 -13.79
CA ALA A 99 20.67 5.45 -14.49
C ALA A 99 20.88 5.31 -15.97
N LEU A 100 22.13 4.96 -16.39
CA LEU A 100 22.42 4.70 -17.78
C LEU A 100 21.52 3.57 -18.33
N GLY A 101 21.30 2.54 -17.52
CA GLY A 101 20.35 1.48 -17.84
C GLY A 101 18.92 1.94 -17.97
N ALA A 102 18.54 2.94 -17.15
CA ALA A 102 17.15 3.36 -17.06
C ALA A 102 16.80 4.16 -18.22
N ILE A 103 17.74 4.93 -18.72
CA ILE A 103 17.50 5.76 -19.91
C ILE A 103 17.28 4.87 -21.13
N GLY A 104 17.89 3.70 -21.16
CA GLY A 104 17.48 2.66 -22.13
C GLY A 104 18.05 2.85 -23.51
N ASP A 105 19.00 3.75 -23.65
CA ASP A 105 19.63 4.03 -24.93
C ASP A 105 20.84 3.14 -25.12
N PRO A 106 20.83 2.30 -26.17
CA PRO A 106 21.94 1.35 -26.40
C PRO A 106 23.34 1.95 -26.70
N GLU A 107 23.40 3.23 -27.01
CA GLU A 107 24.65 4.01 -27.13
C GLU A 107 25.60 3.73 -25.98
N VAL A 108 25.03 3.48 -24.80
CA VAL A 108 25.81 3.23 -23.56
C VAL A 108 26.15 1.79 -23.31
N LEU A 109 25.75 0.87 -24.20
CA LEU A 109 26.03 -0.60 -23.91
C LEU A 109 27.48 -0.92 -23.71
N GLU A 110 28.35 -0.27 -24.48
CA GLU A 110 29.75 -0.68 -24.46
C GLU A 110 30.40 -0.27 -23.13
N ILE A 111 30.12 0.93 -22.68
CA ILE A 111 30.60 1.38 -21.36
C ILE A 111 30.02 0.53 -20.23
N LEU A 112 28.72 0.21 -20.29
CA LEU A 112 28.18 -0.68 -19.27
C LEU A 112 28.80 -2.06 -19.26
N LYS A 113 29.08 -2.64 -20.42
CA LYS A 113 29.84 -3.89 -20.45
C LYS A 113 31.26 -3.74 -19.83
N GLN A 114 31.93 -2.64 -20.13
CA GLN A 114 33.27 -2.35 -19.60
C GLN A 114 33.22 -2.35 -18.05
N TYR A 115 32.25 -1.63 -17.51
CA TYR A 115 32.18 -1.39 -16.08
C TYR A 115 31.53 -2.54 -15.36
N SER A 116 31.13 -3.58 -16.11
CA SER A 116 30.72 -4.80 -15.53
C SER A 116 31.86 -5.49 -14.83
N SER A 117 33.09 -5.06 -15.14
CA SER A 117 34.30 -5.54 -14.51
C SER A 117 34.96 -4.55 -13.56
N ASP A 118 34.21 -3.56 -13.11
CA ASP A 118 34.76 -2.54 -12.20
C ASP A 118 35.20 -3.20 -10.92
N PRO A 119 36.29 -2.72 -10.33
CA PRO A 119 36.74 -3.31 -9.04
C PRO A 119 35.76 -3.20 -7.85
N VAL A 120 34.84 -2.21 -7.88
CA VAL A 120 33.87 -1.90 -6.82
C VAL A 120 32.65 -2.74 -7.18
N ILE A 121 32.37 -3.67 -6.30
CA ILE A 121 31.41 -4.75 -6.58
C ILE A 121 29.98 -4.22 -6.85
N GLU A 122 29.56 -3.24 -6.08
CA GLU A 122 28.23 -2.58 -6.33
C GLU A 122 28.17 -2.07 -7.78
N VAL A 123 29.28 -1.54 -8.25
CA VAL A 123 29.30 -0.94 -9.63
C VAL A 123 29.26 -2.03 -10.72
N ALA A 124 30.17 -2.99 -10.61
CA ALA A 124 30.18 -4.19 -11.42
C ALA A 124 28.82 -4.85 -11.51
N GLU A 125 28.20 -5.12 -10.35
CA GLU A 125 26.86 -5.70 -10.34
C GLU A 125 25.79 -4.84 -10.98
N THR A 126 25.79 -3.57 -10.65
CA THR A 126 24.83 -2.62 -11.24
C THR A 126 24.96 -2.64 -12.79
N CYS A 127 26.20 -2.68 -13.31
CA CYS A 127 26.38 -2.54 -14.74
C CYS A 127 26.04 -3.88 -15.41
N GLN A 128 26.24 -4.99 -14.69
CA GLN A 128 25.79 -6.28 -15.22
C GLN A 128 24.30 -6.30 -15.41
N LEU A 129 23.59 -5.77 -14.44
CA LEU A 129 22.14 -5.70 -14.49
C LEU A 129 21.68 -4.81 -15.60
N ALA A 130 22.39 -3.70 -15.83
CA ALA A 130 21.93 -2.71 -16.78
C ALA A 130 22.14 -3.29 -18.22
N VAL A 131 23.24 -4.02 -18.44
CA VAL A 131 23.48 -4.69 -19.72
C VAL A 131 22.37 -5.72 -19.99
N ARG A 132 21.96 -6.46 -18.96
CA ARG A 132 20.86 -7.39 -19.18
C ARG A 132 19.53 -6.66 -19.47
N ARG A 133 19.27 -5.53 -18.79
CA ARG A 133 18.07 -4.73 -19.05
C ARG A 133 18.11 -4.21 -20.50
N LEU A 134 19.26 -3.69 -20.92
CA LEU A 134 19.31 -3.20 -22.31
C LEU A 134 19.06 -4.35 -23.33
N GLU A 135 19.59 -5.53 -23.06
CA GLU A 135 19.38 -6.67 -23.89
C GLU A 135 17.91 -7.07 -23.90
N TRP A 136 17.25 -6.96 -22.75
CA TRP A 136 15.82 -7.27 -22.68
C TRP A 136 15.00 -6.30 -23.50
N LEU A 137 15.27 -5.02 -23.36
CA LEU A 137 14.57 -4.01 -24.09
C LEU A 137 14.74 -4.23 -25.62
N GLN A 138 15.95 -4.53 -26.00
CA GLN A 138 16.27 -4.77 -27.41
C GLN A 138 15.45 -5.97 -27.90
N GLN A 139 15.35 -7.03 -27.11
CA GLN A 139 14.66 -8.26 -27.58
C GLN A 139 13.13 -8.08 -27.55
N HIS A 140 12.61 -7.24 -26.65
CA HIS A 140 11.15 -7.03 -26.51
C HIS A 140 10.64 -5.81 -27.24
N GLY A 141 11.53 -5.00 -27.80
CA GLY A 141 11.10 -3.88 -28.57
C GLY A 141 10.64 -2.68 -27.75
N GLY A 142 11.08 -2.59 -26.49
CA GLY A 142 10.77 -1.45 -25.66
C GLY A 142 10.43 -1.88 -24.22
N GLU A 143 10.09 -0.88 -23.42
CA GLU A 143 9.84 -1.03 -22.00
C GLU A 143 8.72 -2.01 -21.85
N PRO A 144 8.68 -2.71 -20.71
CA PRO A 144 7.55 -3.58 -20.50
C PRO A 144 6.22 -2.78 -20.38
N ALA A 145 5.07 -3.47 -20.39
CA ALA A 145 3.79 -2.79 -20.19
C ALA A 145 3.87 -2.15 -18.82
N ALA A 146 3.23 -1.01 -18.70
CA ALA A 146 3.24 -0.28 -17.47
C ALA A 146 2.58 -1.14 -16.39
N GLY A 147 3.28 -1.28 -15.27
CA GLY A 147 2.79 -1.98 -14.12
C GLY A 147 2.21 -1.00 -13.11
N PRO A 148 1.99 -1.46 -11.90
CA PRO A 148 1.47 -0.69 -10.77
C PRO A 148 2.38 0.38 -10.19
N TYR A 149 3.67 0.39 -10.56
CA TYR A 149 4.60 1.44 -10.11
C TYR A 149 5.12 2.24 -11.32
N LEU A 150 5.32 3.52 -11.14
CA LEU A 150 5.66 4.39 -12.25
C LEU A 150 7.15 4.54 -12.41
N SER A 151 7.88 3.96 -11.48
CA SER A 151 9.33 3.91 -11.53
C SER A 151 9.79 3.20 -12.74
N VAL A 152 10.98 3.58 -13.20
CA VAL A 152 11.68 2.75 -14.14
C VAL A 152 12.65 1.85 -13.40
N ASP A 153 12.42 0.55 -13.47
CA ASP A 153 13.10 -0.40 -12.60
C ASP A 153 14.29 -1.01 -13.29
N PRO A 154 15.26 -1.53 -12.53
CA PRO A 154 16.41 -2.11 -13.18
C PRO A 154 16.19 -3.43 -13.86
N ALA A 155 15.04 -4.06 -13.63
CA ALA A 155 14.66 -5.32 -14.25
C ALA A 155 13.18 -5.41 -14.34
N PRO A 156 12.70 -6.03 -15.44
CA PRO A 156 11.26 -6.18 -15.65
C PRO A 156 10.74 -7.30 -14.75
N PRO A 157 9.50 -7.22 -14.36
CA PRO A 157 9.02 -8.24 -13.39
C PRO A 157 8.99 -9.61 -14.02
N ALA A 158 9.26 -10.62 -13.22
CA ALA A 158 9.14 -12.03 -13.62
C ALA A 158 7.71 -12.32 -14.02
N GLU A 159 7.52 -13.22 -15.02
CA GLU A 159 6.19 -13.62 -15.39
C GLU A 159 5.44 -14.55 -14.35
N GLU A 160 6.18 -15.26 -13.56
CA GLU A 160 5.62 -16.12 -12.54
C GLU A 160 4.75 -15.29 -11.56
N ARG A 161 3.54 -15.78 -11.25
CA ARG A 161 2.62 -15.04 -10.36
C ARG A 161 2.47 -15.64 -8.98
N ASP A 162 2.89 -16.89 -8.85
CA ASP A 162 2.85 -17.52 -7.56
C ASP A 162 3.92 -16.93 -6.61
N VAL A 163 3.46 -16.38 -5.51
CA VAL A 163 4.33 -15.72 -4.51
C VAL A 163 5.35 -16.72 -3.97
N GLY A 164 4.93 -17.96 -3.68
CA GLY A 164 5.91 -18.92 -3.10
C GLY A 164 7.04 -19.27 -4.06
N ARG A 165 6.69 -19.50 -5.33
CA ARG A 165 7.69 -19.69 -6.38
C ARG A 165 8.60 -18.44 -6.67
N LEU A 166 8.01 -17.27 -6.59
CA LEU A 166 8.82 -16.01 -6.65
C LEU A 166 9.82 -15.89 -5.48
N ARG A 167 9.36 -16.27 -4.30
CA ARG A 167 10.21 -16.21 -3.10
C ARG A 167 11.37 -17.14 -3.28
N GLU A 168 11.11 -18.32 -3.83
CA GLU A 168 12.23 -19.22 -4.03
C GLU A 168 13.29 -18.68 -4.95
N ALA A 169 12.83 -18.05 -6.02
CA ALA A 169 13.71 -17.47 -7.01
C ALA A 169 14.52 -16.33 -6.42
N LEU A 170 13.85 -15.47 -5.69
CA LEU A 170 14.51 -14.31 -5.01
C LEU A 170 15.69 -14.67 -4.10
N LEU A 171 15.48 -15.72 -3.28
CA LEU A 171 16.40 -16.21 -2.25
C LEU A 171 17.41 -17.25 -2.74
N ASP A 172 17.36 -17.61 -4.02
CA ASP A 172 18.30 -18.56 -4.62
C ASP A 172 19.64 -17.90 -5.00
N GLU A 173 20.66 -18.17 -4.20
CA GLU A 173 21.99 -17.52 -4.45
C GLU A 173 22.72 -18.06 -5.71
N SER A 174 22.27 -19.18 -6.27
CA SER A 174 22.86 -19.72 -7.48
C SER A 174 22.28 -19.17 -8.77
N ARG A 175 21.13 -18.48 -8.72
CA ARG A 175 20.57 -17.86 -9.90
C ARG A 175 21.24 -16.54 -10.22
N PRO A 176 21.29 -16.15 -11.49
CA PRO A 176 21.82 -14.85 -11.85
C PRO A 176 21.05 -13.72 -11.17
N LEU A 177 21.79 -12.67 -10.84
CA LEU A 177 21.25 -11.53 -10.17
C LEU A 177 20.05 -10.94 -10.89
N PHE A 178 20.11 -10.92 -12.23
CA PHE A 178 19.02 -10.33 -12.98
C PHE A 178 17.76 -11.09 -12.76
N GLU A 179 17.85 -12.41 -12.73
CA GLU A 179 16.64 -13.23 -12.59
C GLU A 179 16.04 -13.01 -11.17
N ARG A 180 16.93 -12.84 -10.20
CA ARG A 180 16.55 -12.61 -8.83
C ARG A 180 15.83 -11.27 -8.74
N TYR A 181 16.36 -10.26 -9.40
CA TYR A 181 15.70 -8.95 -9.45
C TYR A 181 14.37 -9.02 -10.12
N ARG A 182 14.25 -9.86 -11.15
CA ARG A 182 12.93 -9.95 -11.79
C ARG A 182 11.84 -10.50 -10.80
N ALA A 183 12.26 -11.42 -9.95
CA ALA A 183 11.37 -12.09 -9.00
C ALA A 183 11.06 -11.06 -7.90
N MET A 184 12.00 -10.21 -7.63
CA MET A 184 11.87 -9.14 -6.61
C MET A 184 10.78 -8.14 -7.07
N PHE A 185 10.84 -7.69 -8.32
CA PHE A 185 9.84 -6.77 -8.83
C PHE A 185 8.51 -7.43 -8.99
N ALA A 186 8.48 -8.73 -9.37
CA ALA A 186 7.19 -9.45 -9.38
C ALA A 186 6.54 -9.59 -8.00
N LEU A 187 7.35 -9.67 -6.99
CA LEU A 187 6.87 -9.79 -5.56
C LEU A 187 6.24 -8.49 -5.16
N ARG A 188 6.93 -7.40 -5.43
CA ARG A 188 6.48 -6.07 -5.14
C ARG A 188 5.10 -5.85 -5.82
N ASN A 189 5.00 -6.21 -7.11
CA ASN A 189 3.75 -6.04 -7.83
C ASN A 189 2.62 -6.93 -7.35
N ALA A 190 2.93 -8.13 -6.91
CA ALA A 190 1.93 -9.05 -6.29
C ALA A 190 1.28 -8.48 -5.07
N GLY A 191 2.08 -7.75 -4.31
CA GLY A 191 1.64 -7.15 -3.06
C GLY A 191 1.14 -8.10 -2.01
N GLY A 192 0.67 -7.49 -0.94
CA GLY A 192 0.16 -8.14 0.27
C GLY A 192 1.25 -8.54 1.25
N GLU A 193 0.79 -9.12 2.37
CA GLU A 193 1.64 -9.43 3.49
C GLU A 193 2.57 -10.56 3.19
N GLU A 194 2.11 -11.62 2.51
CA GLU A 194 2.98 -12.72 2.20
C GLU A 194 4.17 -12.26 1.31
N ALA A 195 3.90 -11.45 0.33
CA ALA A 195 4.98 -10.97 -0.58
C ALA A 195 5.94 -10.00 0.17
N ALA A 196 5.40 -9.17 1.04
CA ALA A 196 6.19 -8.22 1.88
C ALA A 196 7.20 -8.96 2.72
N LEU A 197 6.75 -10.04 3.38
CA LEU A 197 7.67 -10.84 4.16
C LEU A 197 8.62 -11.69 3.38
N ALA A 198 8.21 -12.19 2.20
CA ALA A 198 9.12 -12.88 1.34
C ALA A 198 10.28 -11.91 0.89
N LEU A 199 9.90 -10.71 0.52
CA LEU A 199 10.85 -9.65 0.16
C LEU A 199 11.82 -9.45 1.34
N ALA A 200 11.25 -9.36 2.55
CA ALA A 200 12.03 -8.94 3.72
C ALA A 200 13.08 -9.99 4.05
N GLU A 201 12.84 -11.24 3.72
CA GLU A 201 13.87 -12.31 3.83
C GLU A 201 15.06 -11.97 3.01
N GLY A 202 14.90 -11.22 1.90
CA GLY A 202 16.08 -10.85 1.16
C GLY A 202 17.02 -9.88 1.86
N LEU A 203 16.61 -9.30 2.98
CA LEU A 203 17.50 -8.45 3.73
C LEU A 203 18.58 -9.27 4.47
N HIS A 204 18.51 -10.57 4.35
CA HIS A 204 19.47 -11.50 5.00
C HIS A 204 20.32 -12.26 3.96
N CYS A 205 20.27 -11.89 2.70
CA CYS A 205 21.07 -12.64 1.73
C CYS A 205 21.59 -11.73 0.65
N GLY A 206 22.17 -12.34 -0.39
CA GLY A 206 22.82 -11.62 -1.49
C GLY A 206 23.87 -10.59 -1.15
N SER A 207 24.24 -9.86 -2.16
CA SER A 207 25.19 -8.77 -2.04
C SER A 207 24.51 -7.57 -1.40
N ALA A 208 25.34 -6.57 -1.08
CA ALA A 208 24.82 -5.30 -0.59
C ALA A 208 23.92 -4.62 -1.62
N LEU A 209 24.26 -4.65 -2.91
CA LEU A 209 23.36 -4.09 -3.96
C LEU A 209 21.99 -4.72 -3.88
N PHE A 210 21.95 -6.07 -3.87
CA PHE A 210 20.71 -6.83 -3.74
C PHE A 210 19.88 -6.43 -2.54
N ARG A 211 20.51 -6.36 -1.37
CA ARG A 211 19.78 -5.99 -0.13
C ARG A 211 19.21 -4.58 -0.23
N HIS A 212 19.98 -3.69 -0.79
CA HIS A 212 19.52 -2.33 -0.90
C HIS A 212 18.30 -2.24 -1.77
N GLU A 213 18.33 -2.97 -2.88
CA GLU A 213 17.19 -3.03 -3.75
C GLU A 213 15.96 -3.54 -3.04
N VAL A 214 16.13 -4.60 -2.24
CA VAL A 214 15.02 -5.11 -1.41
C VAL A 214 14.42 -4.01 -0.57
N GLY A 215 15.31 -3.22 0.02
CA GLY A 215 14.93 -2.04 0.87
C GLY A 215 14.07 -1.06 0.04
N TYR A 216 14.56 -0.72 -1.16
CA TYR A 216 13.85 0.20 -2.03
C TYR A 216 12.44 -0.33 -2.38
N VAL A 217 12.34 -1.60 -2.80
CA VAL A 217 11.05 -2.12 -3.19
C VAL A 217 10.09 -2.27 -1.99
N LEU A 218 10.62 -2.55 -0.82
CA LEU A 218 9.82 -2.54 0.41
C LEU A 218 9.28 -1.12 0.70
N GLY A 219 10.06 -0.08 0.44
CA GLY A 219 9.63 1.29 0.55
C GLY A 219 8.59 1.66 -0.48
N GLN A 220 8.63 1.00 -1.67
CA GLN A 220 7.64 1.27 -2.70
C GLN A 220 6.35 0.58 -2.37
N LEU A 221 6.44 -0.69 -1.97
CA LEU A 221 5.29 -1.52 -1.60
C LEU A 221 4.61 -0.91 -0.37
N GLN A 222 5.41 -0.37 0.55
CA GLN A 222 4.80 0.40 1.65
C GLN A 222 3.89 -0.44 2.52
N HIS A 223 4.10 -1.76 2.58
CA HIS A 223 3.30 -2.62 3.39
C HIS A 223 3.94 -2.70 4.79
N GLU A 224 3.11 -2.46 5.80
CA GLU A 224 3.56 -2.31 7.17
C GLU A 224 4.15 -3.61 7.79
N ALA A 225 3.86 -4.78 7.21
CA ALA A 225 4.35 -6.08 7.72
C ALA A 225 5.88 -6.12 7.67
N ALA A 226 6.47 -5.28 6.81
CA ALA A 226 7.94 -5.24 6.61
C ALA A 226 8.66 -4.29 7.55
N VAL A 227 7.91 -3.50 8.33
CA VAL A 227 8.52 -2.46 9.19
C VAL A 227 9.56 -3.02 10.18
N PRO A 228 9.22 -4.08 10.96
CA PRO A 228 10.13 -4.63 11.91
C PRO A 228 11.43 -4.99 11.29
N GLN A 229 11.41 -5.67 10.12
CA GLN A 229 12.62 -6.05 9.45
C GLN A 229 13.38 -4.88 8.91
N LEU A 230 12.68 -3.89 8.38
CA LEU A 230 13.34 -2.65 7.89
C LEU A 230 14.00 -1.88 9.00
N ALA A 231 13.30 -1.80 10.11
CA ALA A 231 13.87 -1.15 11.34
C ALA A 231 15.06 -1.92 11.94
N ALA A 232 14.97 -3.23 11.97
CA ALA A 232 16.11 -4.10 12.40
C ALA A 232 17.34 -3.94 11.51
N ALA A 233 17.14 -3.93 10.20
CA ALA A 233 18.27 -3.68 9.25
C ALA A 233 18.89 -2.31 9.54
N LEU A 234 18.06 -1.27 9.62
CA LEU A 234 18.50 0.11 9.96
C LEU A 234 19.35 0.09 11.25
N ALA A 235 18.92 -0.71 12.20
CA ALA A 235 19.57 -0.79 13.49
C ALA A 235 20.86 -1.55 13.50
N ARG A 236 21.13 -2.35 12.46
CA ARG A 236 22.35 -3.22 12.42
C ARG A 236 23.56 -2.40 12.00
N CYS A 237 24.37 -2.01 12.97
CA CYS A 237 25.59 -1.19 12.69
C CYS A 237 26.59 -1.93 11.78
N THR A 238 26.54 -3.26 11.70
CA THR A 238 27.39 -4.02 10.80
C THR A 238 26.91 -3.99 9.34
N GLU A 239 25.65 -3.64 9.14
CA GLU A 239 25.10 -3.58 7.79
C GLU A 239 25.73 -2.47 6.95
N ASN A 240 25.84 -2.72 5.65
CA ASN A 240 26.37 -1.74 4.73
C ASN A 240 25.57 -0.42 4.77
N PRO A 241 26.24 0.75 4.85
CA PRO A 241 25.57 2.02 4.98
C PRO A 241 24.59 2.30 3.83
N MET A 242 24.89 1.82 2.63
CA MET A 242 23.97 1.97 1.50
CA MET A 242 23.97 1.97 1.50
C MET A 242 22.66 1.20 1.73
N VAL A 243 22.74 0.02 2.34
CA VAL A 243 21.56 -0.78 2.70
C VAL A 243 20.78 -0.11 3.87
N ARG A 244 21.54 0.32 4.86
CA ARG A 244 20.87 0.96 5.98
C ARG A 244 20.15 2.25 5.56
N HIS A 245 20.79 3.03 4.70
CA HIS A 245 20.12 4.22 4.11
C HIS A 245 18.83 3.90 3.35
N GLU A 246 18.83 2.81 2.55
CA GLU A 246 17.67 2.48 1.78
C GLU A 246 16.51 2.05 2.69
N CYS A 247 16.86 1.33 3.74
CA CYS A 247 15.92 0.89 4.79
C CYS A 247 15.33 2.10 5.53
N ALA A 248 16.16 3.11 5.79
CA ALA A 248 15.70 4.31 6.43
C ALA A 248 14.70 5.05 5.50
N GLU A 249 15.04 5.18 4.22
CA GLU A 249 14.15 5.78 3.24
C GLU A 249 12.84 5.06 3.18
N ALA A 250 12.87 3.69 3.16
CA ALA A 250 11.63 2.90 3.16
C ALA A 250 10.74 3.18 4.36
N LEU A 251 11.37 3.27 5.51
CA LEU A 251 10.69 3.60 6.76
C LEU A 251 10.07 5.00 6.65
N GLY A 252 10.83 5.92 6.07
CA GLY A 252 10.34 7.25 5.72
C GLY A 252 9.12 7.30 4.85
N ALA A 253 9.09 6.48 3.79
CA ALA A 253 7.96 6.40 2.94
C ALA A 253 6.72 5.86 3.65
N ILE A 254 6.89 4.84 4.51
CA ILE A 254 5.76 4.18 5.17
C ILE A 254 5.23 5.18 6.18
N ALA A 255 6.11 5.78 6.95
CA ALA A 255 5.80 6.96 7.80
C ALA A 255 4.76 6.67 8.93
N ARG A 256 4.70 5.40 9.39
CA ARG A 256 3.83 5.04 10.50
C ARG A 256 4.60 5.47 11.75
N PRO A 257 3.89 5.73 12.87
CA PRO A 257 4.57 6.13 14.12
C PRO A 257 5.78 5.23 14.51
N ALA A 258 5.71 3.95 14.24
CA ALA A 258 6.84 3.11 14.63
C ALA A 258 8.05 3.33 13.66
N CYS A 259 7.78 3.75 12.44
CA CYS A 259 8.87 4.00 11.50
C CYS A 259 9.58 5.24 11.93
N LEU A 260 8.74 6.24 12.21
CA LEU A 260 9.18 7.52 12.74
C LEU A 260 10.03 7.41 14.00
N ALA A 261 9.69 6.53 14.95
CA ALA A 261 10.54 6.31 16.12
C ALA A 261 11.88 5.71 15.76
N ALA A 262 11.92 4.75 14.82
CA ALA A 262 13.22 4.15 14.39
C ALA A 262 14.13 5.15 13.72
N LEU A 263 13.57 6.00 12.87
CA LEU A 263 14.35 7.01 12.19
C LEU A 263 14.92 8.01 13.26
N GLN A 264 14.13 8.41 14.24
CA GLN A 264 14.65 9.37 15.24
C GLN A 264 15.79 8.69 15.97
N ALA A 265 15.64 7.40 16.24
CA ALA A 265 16.68 6.67 16.96
C ALA A 265 18.02 6.76 16.26
N HIS A 266 18.02 6.90 14.93
CA HIS A 266 19.28 6.85 14.17
C HIS A 266 19.65 8.24 13.63
N ALA A 267 18.95 9.28 14.04
CA ALA A 267 19.23 10.62 13.45
C ALA A 267 20.62 11.17 13.80
N ASP A 268 21.30 10.60 14.81
CA ASP A 268 22.70 10.95 15.12
C ASP A 268 23.71 9.84 14.79
N ASP A 269 23.32 8.93 13.87
CA ASP A 269 24.18 7.82 13.46
C ASP A 269 25.52 8.33 12.97
N PRO A 270 26.58 7.57 13.19
CA PRO A 270 27.88 8.01 12.65
C PRO A 270 27.99 8.05 11.14
N GLU A 271 27.14 7.33 10.41
CA GLU A 271 27.23 7.25 8.94
C GLU A 271 26.39 8.40 8.42
N ARG A 272 27.08 9.31 7.77
CA ARG A 272 26.45 10.49 7.22
C ARG A 272 25.32 10.12 6.31
N VAL A 273 25.46 9.08 5.48
CA VAL A 273 24.38 8.73 4.56
CA VAL A 273 24.36 8.72 4.57
C VAL A 273 23.11 8.28 5.35
N VAL A 274 23.31 7.58 6.45
CA VAL A 274 22.24 7.19 7.33
C VAL A 274 21.61 8.34 8.12
N ARG A 275 22.41 9.18 8.75
CA ARG A 275 21.84 10.41 9.33
C ARG A 275 21.01 11.24 8.40
N GLU A 276 21.54 11.48 7.20
CA GLU A 276 20.82 12.36 6.28
C GLU A 276 19.56 11.75 5.77
N SER A 277 19.56 10.44 5.56
CA SER A 277 18.29 9.78 5.19
C SER A 277 17.24 9.93 6.28
N CYS A 278 17.66 9.78 7.56
CA CYS A 278 16.70 9.94 8.65
C CYS A 278 16.14 11.37 8.80
N GLU A 279 17.03 12.36 8.68
CA GLU A 279 16.69 13.78 8.58
C GLU A 279 15.66 14.16 7.54
N VAL A 280 15.92 13.78 6.30
CA VAL A 280 15.04 14.03 5.21
C VAL A 280 13.68 13.34 5.46
N ALA A 281 13.69 12.09 5.93
CA ALA A 281 12.45 11.32 6.16
C ALA A 281 11.60 12.01 7.24
N LEU A 282 12.25 12.39 8.32
CA LEU A 282 11.56 13.09 9.42
C LEU A 282 11.06 14.44 8.96
N ASP A 283 11.89 15.20 8.22
CA ASP A 283 11.48 16.49 7.70
C ASP A 283 10.30 16.40 6.79
N MET A 284 10.19 15.31 6.02
CA MET A 284 9.03 15.19 5.12
C MET A 284 7.77 14.94 5.91
N TYR A 285 7.90 14.14 6.96
CA TYR A 285 6.74 13.88 7.83
C TYR A 285 6.27 15.18 8.49
N GLU A 286 7.23 15.95 9.02
CA GLU A 286 6.91 17.25 9.58
C GLU A 286 6.26 18.16 8.54
N HIS A 287 6.69 18.13 7.28
CA HIS A 287 6.09 19.01 6.30
C HIS A 287 4.62 18.68 6.11
N GLU A 288 4.35 17.39 5.94
CA GLU A 288 3.03 16.84 5.69
C GLU A 288 2.07 17.26 6.78
N THR A 289 2.45 16.99 8.04
CA THR A 289 1.70 17.45 9.19
C THR A 289 1.35 18.94 9.06
N GLY A 290 2.33 19.81 8.83
CA GLY A 290 2.03 21.15 8.35
C GLY A 290 1.46 21.16 6.94
N GLY B 1 1.35 -26.24 27.81
CA GLY B 1 0.72 -27.20 28.75
C GLY B 1 -0.81 -27.13 28.74
N PRO B 2 -1.47 -27.71 29.80
CA PRO B 2 -2.95 -27.64 29.81
C PRO B 2 -3.60 -26.39 30.41
N LEU B 3 -2.82 -25.46 30.97
CA LEU B 3 -3.36 -24.19 31.51
C LEU B 3 -3.56 -23.16 30.36
N GLY B 4 -3.00 -23.42 29.19
CA GLY B 4 -3.19 -22.49 28.09
C GLY B 4 -4.64 -22.24 27.68
N SER B 5 -5.40 -23.31 27.51
CA SER B 5 -6.73 -23.10 26.99
C SER B 5 -7.70 -22.55 28.02
N MET B 6 -7.33 -22.63 29.58
CA MET B 6 -7.94 -21.90 30.67
C MET B 6 -7.63 -20.41 30.54
N VAL B 7 -6.38 -20.06 30.31
CA VAL B 7 -5.95 -18.65 30.29
C VAL B 7 -6.65 -17.96 29.15
N THR B 8 -6.70 -18.61 27.99
CA THR B 8 -7.33 -18.00 26.86
C THR B 8 -8.82 -17.75 27.05
N GLU B 9 -9.51 -18.72 27.60
CA GLU B 9 -10.94 -18.49 27.88
C GLU B 9 -11.20 -17.45 29.02
N GLN B 10 -10.34 -17.37 30.04
CA GLN B 10 -10.35 -16.22 30.94
C GLN B 10 -10.21 -14.88 30.17
N GLU B 11 -9.24 -14.80 29.27
CA GLU B 11 -9.02 -13.51 28.56
C GLU B 11 -10.24 -13.18 27.66
N VAL B 12 -10.73 -14.19 26.96
CA VAL B 12 -11.98 -14.05 26.22
C VAL B 12 -13.18 -13.45 27.03
N ASP B 13 -13.36 -13.90 28.25
CA ASP B 13 -14.52 -13.48 29.03
C ASP B 13 -14.30 -12.06 29.49
N ALA B 14 -13.06 -11.75 29.78
CA ALA B 14 -12.67 -10.43 30.25
C ALA B 14 -12.89 -9.37 29.14
N ILE B 15 -12.36 -9.71 27.96
CA ILE B 15 -12.50 -8.87 26.74
C ILE B 15 -13.98 -8.72 26.37
N GLY B 16 -14.66 -9.86 26.38
CA GLY B 16 -16.10 -9.94 26.24
C GLY B 16 -16.88 -8.99 27.14
N GLN B 17 -16.52 -8.92 28.42
CA GLN B 17 -17.22 -7.99 29.32
C GLN B 17 -17.00 -6.56 28.90
N THR B 18 -15.83 -6.24 28.35
CA THR B 18 -15.55 -4.89 27.84
C THR B 18 -16.46 -4.61 26.65
N LEU B 19 -16.49 -5.52 25.67
CA LEU B 19 -17.33 -5.33 24.53
C LEU B 19 -18.82 -5.03 24.85
N VAL B 20 -19.40 -5.77 25.78
CA VAL B 20 -20.85 -5.70 26.01
C VAL B 20 -21.26 -4.59 26.92
N ASP B 21 -20.29 -3.93 27.48
CA ASP B 21 -20.54 -2.84 28.41
C ASP B 21 -20.83 -1.53 27.70
N PRO B 22 -22.09 -1.03 27.75
CA PRO B 22 -22.39 0.20 27.03
C PRO B 22 -21.81 1.45 27.62
N LYS B 23 -21.13 1.34 28.76
CA LYS B 23 -20.45 2.45 29.39
C LYS B 23 -18.97 2.55 28.98
N GLN B 24 -18.47 1.60 28.20
CA GLN B 24 -17.08 1.69 27.75
C GLN B 24 -17.01 2.63 26.55
N PRO B 25 -15.92 3.38 26.36
CA PRO B 25 -15.80 4.16 25.14
C PRO B 25 -15.81 3.25 23.93
N LEU B 26 -16.29 3.76 22.82
CA LEU B 26 -16.47 3.03 21.63
C LEU B 26 -15.16 2.40 21.11
N GLN B 27 -14.05 3.11 21.25
CA GLN B 27 -12.80 2.59 20.73
C GLN B 27 -12.36 1.34 21.53
N ALA B 28 -12.68 1.33 22.82
CA ALA B 28 -12.34 0.23 23.68
C ALA B 28 -13.18 -1.01 23.34
N ARG B 29 -14.41 -0.79 22.99
CA ARG B 29 -15.27 -1.89 22.61
C ARG B 29 -14.86 -2.37 21.20
N PHE B 30 -14.39 -1.48 20.31
CA PHE B 30 -13.92 -1.94 18.99
C PHE B 30 -12.69 -2.81 19.14
N ARG B 31 -11.83 -2.40 20.04
CA ARG B 31 -10.62 -3.15 20.35
C ARG B 31 -10.96 -4.49 20.87
N ALA B 32 -11.91 -4.57 21.81
CA ALA B 32 -12.32 -5.86 22.38
C ALA B 32 -12.88 -6.74 21.24
N LEU B 33 -13.73 -6.14 20.42
CA LEU B 33 -14.35 -6.89 19.32
C LEU B 33 -13.32 -7.50 18.40
N PHE B 34 -12.37 -6.72 17.91
CA PHE B 34 -11.42 -7.24 16.98
C PHE B 34 -10.45 -8.22 17.63
N THR B 35 -10.25 -8.12 18.94
CA THR B 35 -9.45 -9.14 19.60
C THR B 35 -10.21 -10.42 19.59
N LEU B 36 -11.49 -10.37 19.94
CA LEU B 36 -12.31 -11.58 19.96
C LEU B 36 -12.46 -12.19 18.63
N ARG B 37 -12.57 -11.36 17.61
CA ARG B 37 -12.65 -11.88 16.28
C ARG B 37 -11.41 -12.80 15.99
N GLY B 38 -10.25 -12.33 16.38
CA GLY B 38 -8.98 -13.03 16.18
C GLY B 38 -8.89 -14.30 17.02
N LEU B 39 -9.32 -14.20 18.25
CA LEU B 39 -9.25 -15.37 19.15
C LEU B 39 -10.18 -16.45 18.72
N GLY B 40 -11.41 -16.09 18.38
CA GLY B 40 -12.33 -17.06 17.89
C GLY B 40 -12.84 -17.99 18.96
N GLY B 41 -13.66 -18.92 18.51
CA GLY B 41 -14.29 -19.85 19.45
C GLY B 41 -15.69 -19.49 19.93
N PRO B 42 -16.35 -20.43 20.59
CA PRO B 42 -17.73 -20.26 21.09
C PRO B 42 -17.87 -19.18 22.14
N GLY B 43 -16.97 -19.06 23.07
CA GLY B 43 -17.05 -17.98 24.07
C GLY B 43 -17.09 -16.65 23.29
N ALA B 44 -16.15 -16.51 22.36
CA ALA B 44 -16.02 -15.27 21.58
C ALA B 44 -17.26 -14.95 20.81
N ILE B 45 -17.79 -15.94 20.12
CA ILE B 45 -19.02 -15.77 19.36
C ILE B 45 -20.23 -15.35 20.26
N ALA B 46 -20.31 -15.91 21.47
CA ALA B 46 -21.38 -15.55 22.38
C ALA B 46 -21.32 -14.14 22.87
N TRP B 47 -20.14 -13.69 23.24
CA TRP B 47 -19.95 -12.34 23.68
C TRP B 47 -20.20 -11.31 22.55
N ILE B 48 -19.79 -11.61 21.33
CA ILE B 48 -20.03 -10.73 20.16
C ILE B 48 -21.55 -10.67 19.89
N SER B 49 -22.19 -11.84 20.03
CA SER B 49 -23.64 -11.98 19.76
C SER B 49 -24.44 -11.20 20.77
N GLN B 50 -23.97 -11.21 22.02
CA GLN B 50 -24.65 -10.54 23.10
C GLN B 50 -24.70 -9.03 22.83
N ALA B 51 -23.68 -8.49 22.20
CA ALA B 51 -23.63 -7.05 21.87
C ALA B 51 -24.63 -6.53 20.82
N PHE B 52 -25.36 -7.39 20.12
CA PHE B 52 -26.43 -6.88 19.21
C PHE B 52 -27.57 -6.08 19.88
N ASP B 53 -27.50 -6.00 21.22
CA ASP B 53 -28.47 -5.22 22.01
C ASP B 53 -28.19 -3.73 21.86
N ASP B 54 -26.96 -3.39 21.54
CA ASP B 54 -26.49 -2.05 21.64
C ASP B 54 -27.25 -1.03 20.78
N ASP B 55 -27.20 0.22 21.22
CA ASP B 55 -27.73 1.35 20.54
C ASP B 55 -27.02 1.75 19.22
N SER B 56 -25.72 1.47 19.12
CA SER B 56 -24.87 1.96 18.03
C SER B 56 -25.00 1.10 16.81
N ALA B 57 -25.48 1.66 15.71
CA ALA B 57 -25.57 0.92 14.44
C ALA B 57 -24.18 0.52 13.95
N LEU B 58 -23.25 1.48 14.06
CA LEU B 58 -21.88 1.25 13.72
C LEU B 58 -21.35 0.01 14.46
N LEU B 59 -21.51 -0.03 15.79
CA LEU B 59 -20.94 -1.16 16.53
C LEU B 59 -21.63 -2.46 16.09
N LYS B 60 -22.95 -2.48 16.09
CA LYS B 60 -23.68 -3.70 15.67
C LYS B 60 -23.25 -4.22 14.31
N HIS B 61 -23.13 -3.36 13.32
CA HIS B 61 -22.77 -3.85 11.99
C HIS B 61 -21.32 -4.40 11.98
N GLU B 62 -20.46 -3.88 12.87
CA GLU B 62 -19.08 -4.43 13.01
C GLU B 62 -19.12 -5.86 13.60
N LEU B 63 -20.04 -6.04 14.52
CA LEU B 63 -20.22 -7.35 15.11
C LEU B 63 -20.52 -8.34 14.03
N ALA B 64 -21.46 -8.00 13.18
CA ALA B 64 -21.85 -8.90 12.10
C ALA B 64 -20.65 -9.14 11.13
N TYR B 65 -19.93 -8.08 10.79
CA TYR B 65 -18.73 -8.21 9.91
C TYR B 65 -17.75 -9.26 10.48
N CYS B 66 -17.44 -9.11 11.74
CA CYS B 66 -16.54 -10.01 12.45
C CYS B 66 -17.01 -11.45 12.41
N LEU B 67 -18.32 -11.69 12.64
CA LEU B 67 -18.85 -13.08 12.68
C LEU B 67 -18.73 -13.69 11.28
N GLY B 68 -18.90 -12.86 10.26
CA GLY B 68 -18.68 -13.29 8.89
C GLY B 68 -17.23 -13.72 8.63
N GLN B 69 -16.32 -12.85 8.97
CA GLN B 69 -14.87 -13.08 8.74
C GLN B 69 -14.35 -14.27 9.54
N MET B 70 -14.98 -14.57 10.70
CA MET B 70 -14.63 -15.67 11.55
C MET B 70 -14.95 -17.05 10.92
N GLN B 71 -15.89 -17.05 10.00
CA GLN B 71 -16.25 -18.20 9.19
C GLN B 71 -16.65 -19.42 10.03
N ASP B 72 -17.24 -19.15 11.19
CA ASP B 72 -17.67 -20.18 12.11
C ASP B 72 -19.20 -20.34 12.05
N ALA B 73 -19.60 -21.50 11.56
CA ALA B 73 -21.02 -21.82 11.37
C ALA B 73 -21.84 -21.67 12.66
N ARG B 74 -21.19 -21.65 13.80
CA ARG B 74 -21.88 -21.42 15.09
C ARG B 74 -22.54 -20.05 15.22
N ALA B 75 -22.13 -19.09 14.38
CA ALA B 75 -22.69 -17.74 14.39
C ALA B 75 -23.96 -17.64 13.58
N ILE B 76 -24.29 -18.69 12.82
CA ILE B 76 -25.34 -18.58 11.83
C ILE B 76 -26.69 -18.17 12.43
N PRO B 77 -27.11 -18.80 13.57
CA PRO B 77 -28.42 -18.47 14.12
C PRO B 77 -28.57 -17.02 14.52
N MET B 78 -27.54 -16.45 15.14
CA MET B 78 -27.56 -15.07 15.53
C MET B 78 -27.65 -14.17 14.31
N LEU B 79 -26.85 -14.49 13.28
CA LEU B 79 -26.83 -13.66 12.05
C LEU B 79 -28.19 -13.70 11.32
N VAL B 80 -28.85 -14.85 11.40
CA VAL B 80 -30.18 -14.98 10.81
C VAL B 80 -31.20 -14.08 11.54
N ASP B 81 -31.16 -14.12 12.88
CA ASP B 81 -32.00 -13.30 13.73
C ASP B 81 -31.77 -11.84 13.37
N VAL B 82 -30.52 -11.43 13.20
CA VAL B 82 -30.26 -10.04 12.79
C VAL B 82 -30.77 -9.70 11.39
N LEU B 83 -30.51 -10.54 10.42
CA LEU B 83 -30.97 -10.32 9.08
C LEU B 83 -32.46 -10.18 9.07
N GLN B 84 -33.13 -11.00 9.87
CA GLN B 84 -34.62 -11.02 9.83
C GLN B 84 -35.23 -9.89 10.64
N ASP B 85 -34.46 -9.31 11.55
CA ASP B 85 -35.00 -8.32 12.45
C ASP B 85 -35.19 -6.99 11.72
N THR B 86 -36.41 -6.70 11.22
CA THR B 86 -36.67 -5.47 10.46
C THR B 86 -36.48 -4.14 11.22
N ARG B 87 -36.34 -4.19 12.54
CA ARG B 87 -36.09 -2.99 13.34
C ARG B 87 -34.60 -2.59 13.27
N GLN B 88 -33.72 -3.57 12.98
CA GLN B 88 -32.28 -3.27 12.81
C GLN B 88 -32.08 -2.30 11.64
N GLU B 89 -31.11 -1.40 11.72
CA GLU B 89 -30.84 -0.46 10.61
C GLU B 89 -30.44 -1.25 9.40
N PRO B 90 -30.65 -0.71 8.19
CA PRO B 90 -30.27 -1.42 6.93
C PRO B 90 -28.79 -1.89 6.90
N MET B 91 -27.92 -0.98 7.34
CA MET B 91 -26.49 -1.23 7.43
CA MET B 91 -26.49 -1.23 7.40
C MET B 91 -26.19 -2.47 8.27
N VAL B 92 -26.99 -2.67 9.31
CA VAL B 92 -26.78 -3.80 10.18
C VAL B 92 -27.31 -5.09 9.50
N ARG B 93 -28.52 -5.00 8.93
CA ARG B 93 -29.14 -6.15 8.30
C ARG B 93 -28.30 -6.55 7.08
N HIS B 94 -27.83 -5.56 6.31
CA HIS B 94 -26.94 -5.84 5.17
C HIS B 94 -25.70 -6.61 5.67
N GLU B 95 -25.08 -6.12 6.73
CA GLU B 95 -23.80 -6.75 7.16
C GLU B 95 -24.05 -8.18 7.60
N ALA B 96 -25.19 -8.45 8.21
CA ALA B 96 -25.49 -9.81 8.66
C ALA B 96 -25.69 -10.70 7.42
N GLY B 97 -26.37 -10.22 6.37
CA GLY B 97 -26.53 -11.02 5.16
C GLY B 97 -25.19 -11.31 4.47
N GLU B 98 -24.35 -10.29 4.31
CA GLU B 98 -22.98 -10.51 3.81
C GLU B 98 -22.25 -11.55 4.65
N ALA B 99 -22.35 -11.47 5.99
CA ALA B 99 -21.68 -12.37 6.87
C ALA B 99 -22.11 -13.81 6.63
N LEU B 100 -23.42 -14.04 6.47
CA LEU B 100 -23.90 -15.38 6.14
C LEU B 100 -23.21 -15.90 4.86
N GLY B 101 -23.03 -15.02 3.85
CA GLY B 101 -22.25 -15.33 2.64
C GLY B 101 -20.80 -15.69 2.93
N ALA B 102 -20.23 -14.99 3.89
CA ALA B 102 -18.80 -15.08 4.16
C ALA B 102 -18.48 -16.35 4.87
N ILE B 103 -19.39 -16.83 5.71
CA ILE B 103 -19.20 -18.12 6.40
C ILE B 103 -19.16 -19.24 5.35
N GLY B 104 -19.90 -19.10 4.27
CA GLY B 104 -19.71 -19.99 3.12
C GLY B 104 -20.43 -21.31 3.25
N ASP B 105 -21.24 -21.45 4.27
CA ASP B 105 -21.95 -22.68 4.56
C ASP B 105 -23.28 -22.62 3.79
N PRO B 106 -23.49 -23.57 2.86
CA PRO B 106 -24.68 -23.56 2.01
C PRO B 106 -26.01 -23.79 2.73
N GLU B 107 -25.99 -24.24 3.97
CA GLU B 107 -27.16 -24.31 4.86
C GLU B 107 -28.02 -23.03 4.78
N VAL B 108 -27.36 -21.87 4.65
CA VAL B 108 -28.03 -20.56 4.67
C VAL B 108 -28.53 -20.12 3.32
N LEU B 109 -28.38 -20.94 2.30
CA LEU B 109 -28.79 -20.48 0.96
C LEU B 109 -30.25 -20.08 0.87
N GLU B 110 -31.12 -20.84 1.50
CA GLU B 110 -32.53 -20.66 1.29
C GLU B 110 -32.96 -19.31 1.83
N ILE B 111 -32.48 -18.98 3.02
CA ILE B 111 -32.75 -17.67 3.62
C ILE B 111 -32.11 -16.50 2.87
N LEU B 112 -30.88 -16.66 2.38
CA LEU B 112 -30.33 -15.63 1.47
C LEU B 112 -31.10 -15.46 0.17
N LYS B 113 -31.62 -16.52 -0.42
CA LYS B 113 -32.49 -16.34 -1.60
C LYS B 113 -33.82 -15.62 -1.24
N GLN B 114 -34.37 -15.97 -0.08
CA GLN B 114 -35.61 -15.34 0.39
C GLN B 114 -35.37 -13.82 0.50
N TYR B 115 -34.30 -13.45 1.20
CA TYR B 115 -34.02 -12.06 1.48
C TYR B 115 -33.44 -11.29 0.35
N SER B 116 -33.25 -11.97 -0.79
CA SER B 116 -32.89 -11.27 -2.00
C SER B 116 -34.01 -10.38 -2.49
N SER B 117 -35.22 -10.60 -1.96
CA SER B 117 -36.37 -9.77 -2.30
C SER B 117 -36.83 -8.88 -1.12
N ASP B 118 -35.95 -8.64 -0.14
CA ASP B 118 -36.28 -7.80 0.98
C ASP B 118 -36.60 -6.39 0.49
N PRO B 119 -37.55 -5.69 1.16
CA PRO B 119 -37.92 -4.36 0.72
C PRO B 119 -36.81 -3.30 0.81
N VAL B 120 -35.82 -3.52 1.69
CA VAL B 120 -34.68 -2.63 1.92
C VAL B 120 -33.60 -3.02 0.92
N ILE B 121 -33.29 -2.10 0.03
CA ILE B 121 -32.45 -2.34 -1.14
C ILE B 121 -31.04 -2.85 -0.81
N GLU B 122 -30.41 -2.27 0.18
CA GLU B 122 -29.07 -2.71 0.63
C GLU B 122 -29.13 -4.19 0.96
N VAL B 123 -30.24 -4.60 1.56
CA VAL B 123 -30.36 -6.00 2.11
C VAL B 123 -30.60 -6.93 0.97
N ALA B 124 -31.61 -6.62 0.15
CA ALA B 124 -31.81 -7.30 -1.13
C ALA B 124 -30.54 -7.47 -1.95
N GLU B 125 -29.81 -6.37 -2.23
CA GLU B 125 -28.52 -6.45 -2.97
C GLU B 125 -27.42 -7.29 -2.31
N THR B 126 -27.25 -7.12 -1.00
CA THR B 126 -26.30 -7.90 -0.25
C THR B 126 -26.61 -9.41 -0.43
N CYS B 127 -27.87 -9.79 -0.30
CA CYS B 127 -28.22 -11.20 -0.27
C CYS B 127 -28.09 -11.80 -1.67
N GLN B 128 -28.37 -10.97 -2.68
CA GLN B 128 -28.16 -11.38 -4.05
C GLN B 128 -26.72 -11.71 -4.31
N LEU B 129 -25.86 -10.84 -3.83
CA LEU B 129 -24.41 -11.05 -3.96
C LEU B 129 -23.99 -12.28 -3.23
N ALA B 130 -24.54 -12.51 -2.04
CA ALA B 130 -24.11 -13.62 -1.19
C ALA B 130 -24.56 -14.94 -1.77
N VAL B 131 -25.76 -14.99 -2.34
CA VAL B 131 -26.20 -16.18 -3.09
C VAL B 131 -25.25 -16.46 -4.24
N ARG B 132 -24.84 -15.44 -4.99
CA ARG B 132 -23.92 -15.64 -6.12
C ARG B 132 -22.54 -16.16 -5.60
N ARG B 133 -22.07 -15.61 -4.48
CA ARG B 133 -20.82 -16.14 -3.89
C ARG B 133 -20.98 -17.61 -3.49
N LEU B 134 -22.09 -17.94 -2.83
CA LEU B 134 -22.22 -19.35 -2.42
C LEU B 134 -22.24 -20.30 -3.61
N GLU B 135 -22.89 -19.86 -4.69
CA GLU B 135 -23.02 -20.67 -5.88
C GLU B 135 -21.66 -20.81 -6.54
N TRP B 136 -20.87 -19.73 -6.45
CA TRP B 136 -19.50 -19.71 -7.02
C TRP B 136 -18.61 -20.66 -6.28
N LEU B 137 -18.68 -20.63 -4.95
CA LEU B 137 -17.94 -21.57 -4.11
C LEU B 137 -18.29 -22.99 -4.49
N GLN B 138 -19.59 -23.25 -4.52
CA GLN B 138 -20.09 -24.58 -4.82
C GLN B 138 -19.51 -25.08 -6.15
N GLN B 139 -19.50 -24.25 -7.19
CA GLN B 139 -19.03 -24.68 -8.51
C GLN B 139 -17.50 -24.87 -8.49
N HIS B 140 -16.80 -24.00 -7.77
CA HIS B 140 -15.34 -24.02 -7.78
C HIS B 140 -14.79 -24.99 -6.76
N GLY B 141 -15.62 -25.48 -5.85
CA GLY B 141 -15.17 -26.45 -4.85
C GLY B 141 -14.45 -25.85 -3.67
N GLY B 142 -14.70 -24.57 -3.40
CA GLY B 142 -14.17 -23.89 -2.22
C GLY B 142 -13.75 -22.47 -2.51
N GLU B 143 -13.18 -21.82 -1.49
CA GLU B 143 -12.72 -20.42 -1.57
C GLU B 143 -11.76 -20.29 -2.70
N PRO B 144 -11.68 -19.10 -3.31
CA PRO B 144 -10.63 -18.95 -4.34
C PRO B 144 -9.22 -19.12 -3.72
N ALA B 145 -8.20 -19.19 -4.57
CA ALA B 145 -6.84 -19.17 -4.05
C ALA B 145 -6.64 -17.89 -3.27
N ALA B 146 -5.83 -17.97 -2.24
CA ALA B 146 -5.55 -16.82 -1.42
C ALA B 146 -4.85 -15.73 -2.24
N GLY B 147 -5.43 -14.54 -2.17
CA GLY B 147 -4.92 -13.38 -2.84
C GLY B 147 -4.12 -12.55 -1.88
N PRO B 148 -3.83 -11.31 -2.27
CA PRO B 148 -3.01 -10.38 -1.47
C PRO B 148 -3.64 -9.82 -0.18
N TYR B 149 -4.93 -10.07 0.01
CA TYR B 149 -5.69 -9.64 1.16
C TYR B 149 -6.28 -10.83 1.88
N LEU B 150 -6.31 -10.77 3.20
CA LEU B 150 -6.65 -11.92 3.98
C LEU B 150 -8.12 -11.88 4.32
N SER B 151 -8.77 -10.82 3.93
CA SER B 151 -10.23 -10.69 4.10
C SER B 151 -10.97 -11.76 3.33
N VAL B 152 -12.14 -12.13 3.85
CA VAL B 152 -13.07 -12.86 3.10
C VAL B 152 -13.99 -11.86 2.42
N ASP B 153 -13.95 -11.86 1.08
CA ASP B 153 -14.59 -10.80 0.28
C ASP B 153 -15.94 -11.27 -0.24
N PRO B 154 -16.85 -10.33 -0.54
CA PRO B 154 -18.15 -10.75 -1.05
C PRO B 154 -18.18 -11.33 -2.44
N ALA B 155 -17.10 -11.16 -3.19
CA ALA B 155 -16.99 -11.74 -4.55
C ALA B 155 -15.53 -12.07 -4.81
N PRO B 156 -15.28 -13.07 -5.65
CA PRO B 156 -13.91 -13.35 -6.02
C PRO B 156 -13.40 -12.34 -7.05
N PRO B 157 -12.10 -12.14 -7.17
CA PRO B 157 -11.65 -11.16 -8.12
C PRO B 157 -11.90 -11.60 -9.58
N ALA B 158 -12.18 -10.63 -10.44
CA ALA B 158 -12.30 -10.86 -11.89
C ALA B 158 -10.96 -11.39 -12.43
N GLU B 159 -11.04 -12.16 -13.54
CA GLU B 159 -9.85 -12.68 -14.22
C GLU B 159 -9.09 -11.64 -15.02
N GLU B 160 -9.79 -10.65 -15.57
CA GLU B 160 -9.17 -9.59 -16.34
C GLU B 160 -8.11 -8.85 -15.51
N ARG B 161 -6.93 -8.62 -16.09
CA ARG B 161 -5.81 -7.97 -15.37
C ARG B 161 -5.54 -6.52 -15.77
N ASP B 162 -6.05 -6.13 -16.93
CA ASP B 162 -5.86 -4.76 -17.39
C ASP B 162 -6.70 -3.75 -16.60
N VAL B 163 -6.02 -2.77 -16.03
CA VAL B 163 -6.69 -1.86 -15.11
C VAL B 163 -7.69 -0.97 -15.85
N GLY B 164 -7.37 -0.54 -17.07
CA GLY B 164 -8.37 0.22 -17.84
C GLY B 164 -9.68 -0.54 -18.14
N ARG B 165 -9.57 -1.80 -18.53
CA ARG B 165 -10.72 -2.66 -18.73
C ARG B 165 -11.49 -3.01 -17.44
N LEU B 166 -10.79 -3.19 -16.33
CA LEU B 166 -11.48 -3.42 -15.04
C LEU B 166 -12.29 -2.18 -14.65
N ARG B 167 -11.72 -1.05 -14.97
CA ARG B 167 -12.35 0.25 -14.69
C ARG B 167 -13.63 0.36 -15.48
N GLU B 168 -13.61 0.00 -16.75
CA GLU B 168 -14.83 0.04 -17.53
C GLU B 168 -15.91 -0.83 -16.93
N ALA B 169 -15.54 -2.02 -16.50
CA ALA B 169 -16.50 -2.96 -15.94
C ALA B 169 -17.09 -2.43 -14.65
N LEU B 170 -16.20 -1.92 -13.79
CA LEU B 170 -16.60 -1.39 -12.49
C LEU B 170 -17.69 -0.31 -12.62
N LEU B 171 -17.47 0.61 -13.59
CA LEU B 171 -18.29 1.83 -13.81
C LEU B 171 -19.47 1.61 -14.77
N ASP B 172 -19.66 0.37 -15.23
CA ASP B 172 -20.77 -0.01 -16.14
C ASP B 172 -22.08 -0.36 -15.39
N GLU B 173 -23.03 0.57 -15.46
CA GLU B 173 -24.27 0.43 -14.71
C GLU B 173 -25.22 -0.64 -15.28
N SER B 174 -24.97 -1.07 -16.50
CA SER B 174 -25.78 -2.11 -17.13
C SER B 174 -25.34 -3.52 -16.78
N ARG B 175 -24.15 -3.71 -16.21
CA ARG B 175 -23.70 -5.04 -15.79
C ARG B 175 -24.26 -5.43 -14.42
N PRO B 176 -24.41 -6.72 -14.15
CA PRO B 176 -24.82 -7.23 -12.86
C PRO B 176 -23.84 -6.83 -11.74
N LEU B 177 -24.42 -6.60 -10.60
CA LEU B 177 -23.67 -6.15 -9.46
C LEU B 177 -22.49 -7.08 -9.14
N PHE B 178 -22.72 -8.38 -9.14
CA PHE B 178 -21.68 -9.33 -8.78
C PHE B 178 -20.49 -9.14 -9.70
N GLU B 179 -20.73 -8.90 -10.99
CA GLU B 179 -19.64 -8.75 -11.95
C GLU B 179 -18.83 -7.48 -11.71
N ARG B 180 -19.56 -6.44 -11.33
CA ARG B 180 -18.94 -5.19 -10.96
C ARG B 180 -18.10 -5.35 -9.67
N TYR B 181 -18.61 -6.06 -8.67
CA TYR B 181 -17.83 -6.38 -7.46
C TYR B 181 -16.56 -7.17 -7.83
N ARG B 182 -16.68 -8.08 -8.76
CA ARG B 182 -15.47 -8.83 -9.14
C ARG B 182 -14.40 -7.97 -9.70
N ALA B 183 -14.78 -6.97 -10.52
CA ALA B 183 -13.86 -6.06 -11.13
C ALA B 183 -13.25 -5.20 -10.03
N MET B 184 -14.06 -4.92 -9.01
CA MET B 184 -13.69 -4.02 -7.90
C MET B 184 -12.54 -4.71 -7.12
N PHE B 185 -12.74 -5.97 -6.79
CA PHE B 185 -11.70 -6.73 -6.09
C PHE B 185 -10.48 -6.93 -6.96
N ALA B 186 -10.67 -7.12 -8.29
CA ALA B 186 -9.50 -7.24 -9.18
C ALA B 186 -8.66 -5.98 -9.21
N LEU B 187 -9.32 -4.85 -9.16
CA LEU B 187 -8.67 -3.54 -9.14
C LEU B 187 -7.85 -3.33 -7.88
N ARG B 188 -8.43 -3.68 -6.73
CA ARG B 188 -7.78 -3.61 -5.43
C ARG B 188 -6.49 -4.47 -5.52
N ASN B 189 -6.66 -5.69 -6.01
CA ASN B 189 -5.50 -6.58 -6.09
C ASN B 189 -4.43 -6.09 -7.05
N ALA B 190 -4.82 -5.48 -8.15
CA ALA B 190 -3.86 -4.89 -9.12
C ALA B 190 -2.95 -3.88 -8.45
N GLY B 191 -3.53 -3.10 -7.55
CA GLY B 191 -2.84 -2.03 -6.86
C GLY B 191 -2.31 -0.90 -7.69
N GLY B 192 -1.63 0.03 -7.00
CA GLY B 192 -1.06 1.21 -7.59
C GLY B 192 -2.04 2.35 -7.82
N GLU B 193 -1.51 3.45 -8.38
CA GLU B 193 -2.25 4.70 -8.45
C GLU B 193 -3.35 4.67 -9.44
N GLU B 194 -3.13 4.06 -10.61
CA GLU B 194 -4.14 4.03 -11.61
C GLU B 194 -5.38 3.28 -11.08
N ALA B 195 -5.15 2.16 -10.42
CA ALA B 195 -6.28 1.35 -9.91
C ALA B 195 -7.00 2.07 -8.76
N ALA B 196 -6.25 2.73 -7.87
CA ALA B 196 -6.80 3.52 -6.80
C ALA B 196 -7.78 4.58 -7.35
N LEU B 197 -7.36 5.27 -8.40
CA LEU B 197 -8.20 6.34 -8.95
C LEU B 197 -9.34 5.79 -9.79
N ALA B 198 -9.12 4.64 -10.43
CA ALA B 198 -10.25 3.97 -11.03
C ALA B 198 -11.34 3.59 -10.00
N LEU B 199 -10.90 3.02 -8.89
CA LEU B 199 -11.82 2.65 -7.83
C LEU B 199 -12.60 3.88 -7.35
N ALA B 200 -11.86 4.97 -7.14
CA ALA B 200 -12.41 6.18 -6.57
C ALA B 200 -13.49 6.75 -7.43
N GLU B 201 -13.44 6.52 -8.74
CA GLU B 201 -14.54 6.94 -9.64
C GLU B 201 -15.81 6.23 -9.28
N GLY B 202 -15.74 5.02 -8.73
CA GLY B 202 -16.96 4.34 -8.29
C GLY B 202 -17.69 5.05 -7.16
N LEU B 203 -17.09 6.05 -6.54
CA LEU B 203 -17.79 6.82 -5.51
C LEU B 203 -18.84 7.72 -6.10
N HIS B 204 -18.87 7.82 -7.43
CA HIS B 204 -19.83 8.64 -8.19
C HIS B 204 -20.88 7.81 -8.93
N CYS B 205 -20.97 6.51 -8.69
CA CYS B 205 -21.97 5.70 -9.38
C CYS B 205 -22.54 4.56 -8.54
N GLY B 206 -23.34 3.69 -9.18
CA GLY B 206 -24.01 2.56 -8.53
C GLY B 206 -24.88 2.91 -7.33
N SER B 207 -25.32 1.87 -6.65
CA SER B 207 -26.13 1.96 -5.46
C SER B 207 -25.29 2.41 -4.30
N ALA B 208 -25.94 2.71 -3.19
CA ALA B 208 -25.26 3.02 -1.94
C ALA B 208 -24.38 1.79 -1.50
N LEU B 209 -24.90 0.57 -1.59
CA LEU B 209 -24.09 -0.61 -1.26
C LEU B 209 -22.79 -0.61 -2.04
N PHE B 210 -22.90 -0.41 -3.35
CA PHE B 210 -21.71 -0.44 -4.22
C PHE B 210 -20.71 0.62 -3.79
N ARG B 211 -21.20 1.83 -3.57
CA ARG B 211 -20.32 2.94 -3.20
C ARG B 211 -19.62 2.68 -1.87
N HIS B 212 -20.33 2.10 -0.92
CA HIS B 212 -19.69 1.79 0.37
C HIS B 212 -18.60 0.75 0.23
N GLU B 213 -18.85 -0.24 -0.62
CA GLU B 213 -17.86 -1.28 -0.88
C GLU B 213 -16.63 -0.65 -1.48
N VAL B 214 -16.82 0.27 -2.41
CA VAL B 214 -15.69 1.00 -2.97
C VAL B 214 -14.86 1.65 -1.88
N GLY B 215 -15.56 2.28 -0.97
CA GLY B 215 -14.92 2.94 0.18
C GLY B 215 -14.11 1.91 0.94
N TYR B 216 -14.69 0.75 1.19
CA TYR B 216 -14.01 -0.32 1.93
C TYR B 216 -12.73 -0.81 1.25
N VAL B 217 -12.84 -1.15 -0.04
CA VAL B 217 -11.64 -1.59 -0.71
C VAL B 217 -10.57 -0.50 -0.81
N LEU B 218 -10.94 0.77 -0.93
CA LEU B 218 -9.95 1.85 -0.97
C LEU B 218 -9.23 1.89 0.41
N GLY B 219 -9.94 1.64 1.50
CA GLY B 219 -9.31 1.55 2.82
C GLY B 219 -8.38 0.34 2.89
N GLN B 220 -8.70 -0.72 2.17
CA GLN B 220 -7.81 -1.87 2.18
C GLN B 220 -6.55 -1.64 1.37
N LEU B 221 -6.76 -1.09 0.17
CA LEU B 221 -5.66 -0.75 -0.74
C LEU B 221 -4.76 0.27 -0.07
N GLN B 222 -5.36 1.22 0.63
CA GLN B 222 -4.53 2.13 1.47
C GLN B 222 -3.61 2.97 0.64
N HIS B 223 -3.94 3.21 -0.63
CA HIS B 223 -3.15 4.03 -1.47
C HIS B 223 -3.61 5.46 -1.29
N GLU B 224 -2.63 6.30 -1.00
CA GLU B 224 -2.87 7.72 -0.70
C GLU B 224 -3.50 8.58 -1.84
N ALA B 225 -3.45 8.10 -3.09
CA ALA B 225 -3.96 8.86 -4.25
C ALA B 225 -5.48 9.06 -4.10
N ALA B 226 -6.11 8.16 -3.35
CA ALA B 226 -7.57 8.13 -3.13
C ALA B 226 -8.04 9.01 -2.04
N VAL B 227 -7.13 9.55 -1.21
CA VAL B 227 -7.46 10.34 -0.02
C VAL B 227 -8.40 11.53 -0.35
N PRO B 228 -8.05 12.38 -1.36
CA PRO B 228 -8.89 13.50 -1.71
C PRO B 228 -10.30 13.09 -1.99
N GLN B 229 -10.49 12.04 -2.76
CA GLN B 229 -11.84 11.59 -3.15
C GLN B 229 -12.57 10.98 -1.99
N LEU B 230 -11.85 10.22 -1.16
CA LEU B 230 -12.47 9.68 0.10
C LEU B 230 -12.91 10.82 1.01
N ALA B 231 -12.07 11.84 1.13
CA ALA B 231 -12.39 13.00 2.00
C ALA B 231 -13.55 13.84 1.45
N ALA B 232 -13.62 13.95 0.12
CA ALA B 232 -14.76 14.65 -0.58
C ALA B 232 -16.06 13.91 -0.41
N ALA B 233 -16.02 12.59 -0.54
CA ALA B 233 -17.22 11.78 -0.26
C ALA B 233 -17.68 11.91 1.21
N LEU B 234 -16.75 11.86 2.14
CA LEU B 234 -17.05 12.06 3.56
C LEU B 234 -17.71 13.43 3.79
N ALA B 235 -17.24 14.41 3.05
CA ALA B 235 -17.71 15.77 3.18
C ALA B 235 -19.06 15.99 2.54
N ARG B 236 -19.55 15.09 1.71
CA ARG B 236 -20.81 15.32 0.99
C ARG B 236 -22.02 14.99 1.85
N CYS B 237 -22.71 16.04 2.34
CA CYS B 237 -23.83 15.84 3.22
C CYS B 237 -24.98 15.14 2.53
N THR B 238 -25.03 15.15 1.19
CA THR B 238 -26.06 14.43 0.45
C THR B 238 -25.75 12.93 0.27
N GLU B 239 -24.50 12.53 0.54
CA GLU B 239 -24.15 11.14 0.44
C GLU B 239 -24.78 10.28 1.55
N ASN B 240 -25.14 9.06 1.19
CA ASN B 240 -25.70 8.14 2.11
C ASN B 240 -24.79 7.92 3.35
N PRO B 241 -25.34 7.90 4.57
CA PRO B 241 -24.53 7.87 5.75
C PRO B 241 -23.66 6.59 5.82
N MET B 242 -24.16 5.51 5.26
CA MET B 242 -23.41 4.22 5.31
C MET B 242 -22.16 4.39 4.44
N VAL B 243 -22.30 5.05 3.31
CA VAL B 243 -21.14 5.36 2.44
C VAL B 243 -20.17 6.34 3.12
N ARG B 244 -20.72 7.42 3.63
CA ARG B 244 -19.83 8.36 4.28
C ARG B 244 -19.03 7.70 5.46
N HIS B 245 -19.71 6.87 6.23
CA HIS B 245 -19.04 6.11 7.29
C HIS B 245 -17.92 5.23 6.73
N GLU B 246 -18.15 4.59 5.61
CA GLU B 246 -17.09 3.69 5.08
C GLU B 246 -15.89 4.46 4.62
N CYS B 247 -16.17 5.60 4.01
CA CYS B 247 -15.11 6.55 3.61
C CYS B 247 -14.30 7.07 4.79
N ALA B 248 -14.96 7.33 5.90
CA ALA B 248 -14.32 7.78 7.13
C ALA B 248 -13.41 6.66 7.66
N GLU B 249 -13.93 5.45 7.70
CA GLU B 249 -13.13 4.28 8.12
C GLU B 249 -11.93 4.11 7.22
N ALA B 250 -12.09 4.20 5.92
CA ALA B 250 -10.94 4.13 4.99
C ALA B 250 -9.87 5.17 5.30
N LEU B 251 -10.33 6.38 5.52
CA LEU B 251 -9.38 7.46 5.88
C LEU B 251 -8.64 7.15 7.16
N GLY B 252 -9.37 6.55 8.08
CA GLY B 252 -8.84 6.08 9.36
C GLY B 252 -7.77 5.00 9.19
N ALA B 253 -8.01 4.04 8.30
CA ALA B 253 -7.02 3.01 7.99
C ALA B 253 -5.80 3.61 7.41
N ILE B 254 -5.91 4.58 6.48
CA ILE B 254 -4.76 5.13 5.77
C ILE B 254 -3.96 5.92 6.80
N ALA B 255 -4.64 6.79 7.56
CA ALA B 255 -4.05 7.43 8.76
C ALA B 255 -2.88 8.41 8.48
N ARG B 256 -2.87 9.01 7.31
CA ARG B 256 -1.88 10.00 6.94
C ARG B 256 -2.45 11.32 7.56
N PRO B 257 -1.59 12.33 7.78
CA PRO B 257 -2.03 13.64 8.31
C PRO B 257 -3.24 14.24 7.54
N ALA B 258 -3.29 14.03 6.23
CA ALA B 258 -4.41 14.60 5.48
C ALA B 258 -5.71 13.84 5.74
N CYS B 259 -5.63 12.61 6.20
CA CYS B 259 -6.84 11.85 6.53
C CYS B 259 -7.34 12.34 7.85
N LEU B 260 -6.37 12.47 8.73
CA LEU B 260 -6.61 12.90 10.09
C LEU B 260 -7.26 14.28 10.13
N ALA B 261 -6.88 15.21 9.26
CA ALA B 261 -7.59 16.49 9.16
C ALA B 261 -9.05 16.41 8.69
N ALA B 262 -9.31 15.58 7.68
CA ALA B 262 -10.70 15.40 7.23
C ALA B 262 -11.61 14.75 8.29
N LEU B 263 -11.08 13.80 9.03
CA LEU B 263 -11.87 13.16 10.06
C LEU B 263 -12.21 14.14 11.20
N GLN B 264 -11.25 14.98 11.58
CA GLN B 264 -11.54 15.94 12.69
C GLN B 264 -12.65 16.84 12.21
N ALA B 265 -12.60 17.17 10.94
CA ALA B 265 -13.64 18.05 10.40
C ALA B 265 -15.08 17.52 10.57
N HIS B 266 -15.26 16.20 10.64
CA HIS B 266 -16.55 15.59 10.64
C HIS B 266 -16.90 14.92 11.92
N ALA B 267 -16.08 15.14 12.92
CA ALA B 267 -16.33 14.50 14.22
C ALA B 267 -17.64 14.98 14.92
N ASP B 268 -18.21 16.11 14.48
CA ASP B 268 -19.53 16.60 14.99
C ASP B 268 -20.70 16.48 14.02
N ASP B 269 -20.52 15.64 13.02
CA ASP B 269 -21.53 15.46 12.04
C ASP B 269 -22.87 15.08 12.64
N PRO B 270 -23.96 15.56 12.05
CA PRO B 270 -25.28 15.18 12.58
C PRO B 270 -25.63 13.69 12.45
N GLU B 271 -24.94 12.95 11.59
CA GLU B 271 -25.21 11.51 11.42
C GLU B 271 -24.36 10.76 12.45
N ARG B 272 -25.06 10.05 13.33
CA ARG B 272 -24.39 9.30 14.37
C ARG B 272 -23.35 8.34 13.82
N VAL B 273 -23.68 7.63 12.74
CA VAL B 273 -22.76 6.63 12.20
C VAL B 273 -21.46 7.31 11.75
N VAL B 274 -21.58 8.50 11.17
CA VAL B 274 -20.44 9.27 10.69
C VAL B 274 -19.62 9.81 11.85
N ARG B 275 -20.27 10.43 12.83
CA ARG B 275 -19.53 10.87 14.03
C ARG B 275 -18.76 9.75 14.69
N GLU B 276 -19.39 8.59 14.88
CA GLU B 276 -18.75 7.49 15.59
C GLU B 276 -17.59 6.94 14.80
N SER B 277 -17.74 6.86 13.47
CA SER B 277 -16.58 6.40 12.68
C SER B 277 -15.40 7.32 12.80
N CYS B 278 -15.63 8.64 12.74
CA CYS B 278 -14.53 9.62 12.88
C CYS B 278 -13.81 9.55 14.28
N GLU B 279 -14.63 9.48 15.32
CA GLU B 279 -14.18 9.18 16.68
C GLU B 279 -13.26 7.98 16.81
N VAL B 280 -13.75 6.81 16.40
CA VAL B 280 -12.97 5.57 16.46
C VAL B 280 -11.68 5.71 15.64
N ALA B 281 -11.77 6.29 14.44
CA ALA B 281 -10.58 6.46 13.60
C ALA B 281 -9.53 7.35 14.24
N LEU B 282 -9.99 8.48 14.79
CA LEU B 282 -9.11 9.40 15.50
C LEU B 282 -8.54 8.79 16.75
N ASP B 283 -9.37 8.07 17.48
CA ASP B 283 -8.87 7.39 18.66
C ASP B 283 -7.79 6.37 18.29
N MET B 284 -7.91 5.69 17.14
CA MET B 284 -6.93 4.66 16.78
C MET B 284 -5.61 5.26 16.37
N TYR B 285 -5.68 6.39 15.66
CA TYR B 285 -4.46 7.09 15.29
C TYR B 285 -3.70 7.57 16.53
N GLU B 286 -4.44 8.12 17.50
CA GLU B 286 -3.85 8.55 18.75
C GLU B 286 -3.16 7.39 19.43
N HIS B 287 -3.80 6.22 19.44
CA HIS B 287 -3.25 5.10 20.18
C HIS B 287 -1.89 4.72 19.62
N GLU B 288 -1.85 4.59 18.31
CA GLU B 288 -0.66 4.19 17.56
C GLU B 288 0.51 5.15 17.90
N THR B 289 0.27 6.45 17.74
CA THR B 289 1.21 7.54 18.08
C THR B 289 1.80 7.47 19.50
N GLY B 290 0.96 7.39 20.52
CA GLY B 290 1.41 7.14 21.89
C GLY B 290 1.52 5.65 22.05
#